data_4PKG
#
_entry.id   4PKG
#
_cell.length_a   69.471
_cell.length_b   75.866
_cell.length_c   136.396
_cell.angle_alpha   90.00
_cell.angle_beta   90.00
_cell.angle_gamma   90.00
#
_symmetry.space_group_name_H-M   'P 21 21 21'
#
loop_
_entity.id
_entity.type
_entity.pdbx_description
1 polymer 'Actin, alpha skeletal muscle'
2 polymer 'Gelsolin,Tropomodulin-1 chimera'
3 non-polymer "ADENOSINE-5'-TRIPHOSPHATE"
4 non-polymer 'CALCIUM ION'
5 water water
#
loop_
_entity_poly.entity_id
_entity_poly.type
_entity_poly.pdbx_seq_one_letter_code
_entity_poly.pdbx_strand_id
1 'polypeptide(L)'
;MCDEDETTALVCDNGSGLVKAGFAGDDAPRAVFPSIVGRPRHQGVMVGMGQKDSYVGDEAQSKRGILTLKYPIE(HIC)G
IITNWDDMEKIWHHTFYNELRVAPEEHPTLLTEAPLNPKANREKMTQIMFETFNVPAMYVAIQAVLSLYASGRTTGIVLD
SGDGVTHNVPIYEGYALPHAIMRLDLAGRDLTDYLMKILTERGYSFVTTAEREIVRDIKEKLCYVALDFENEMATAASSS
SLEKSYELPDGQVITIGNERFRCPETLFQPSFIGMESAGIHETTYNSIMKCDIDIRKDLYANNVMSGGTTMYPGIADRMQ
KEITALAPSTMKIKIIAPPERKYSVWIGGSILASLSTFQQMWITKQEYDEAGPSIVHRKCF
;
A
2 'polypeptide(L)'
;MVVEHPEFLKAGKEPGLQIWRVEKFDLVPVPTNLYGDFFTGDAYVILKTVQLRNGNLQYDLHYWLGNECSQDESGAAAIF
TVQLDDYLNGRAVQHREVQGFESATFLGYFKSGLKYKKGGVASGFGGSGGSGGSQKDQTTKAPTGPFKREELLDHLEKQA
KEFKDREDLVPYTGEKRGKVWVPKQK
;
G
#
loop_
_chem_comp.id
_chem_comp.type
_chem_comp.name
_chem_comp.formula
ATP non-polymer ADENOSINE-5'-TRIPHOSPHATE 'C10 H16 N5 O13 P3'
CA non-polymer 'CALCIUM ION' 'Ca 2'
#
# COMPACT_ATOMS: atom_id res chain seq x y z
N THR A 7 -3.43 18.53 -16.71
CA THR A 7 -3.86 18.38 -15.32
C THR A 7 -3.37 17.06 -14.69
N THR A 8 -2.54 17.19 -13.67
CA THR A 8 -1.91 16.04 -13.05
C THR A 8 -2.47 15.82 -11.65
N ALA A 9 -2.87 14.59 -11.38
CA ALA A 9 -3.38 14.23 -10.07
C ALA A 9 -2.25 13.86 -9.15
N LEU A 10 -2.49 14.05 -7.86
CA LEU A 10 -1.57 13.67 -6.82
C LEU A 10 -2.08 12.39 -6.17
N VAL A 11 -1.14 11.59 -5.68
CA VAL A 11 -1.44 10.39 -4.93
C VAL A 11 -0.68 10.48 -3.60
N CYS A 12 -1.42 10.44 -2.50
CA CYS A 12 -0.85 10.48 -1.16
CA CYS A 12 -0.84 10.47 -1.18
C CYS A 12 -1.27 9.23 -0.43
N ASP A 13 -0.30 8.42 -0.05
CA ASP A 13 -0.57 7.21 0.72
C ASP A 13 0.00 7.44 2.12
N ASN A 14 -0.87 7.77 3.06
CA ASN A 14 -0.44 8.13 4.41
C ASN A 14 -0.45 6.90 5.30
N GLY A 15 0.70 6.57 5.83
CA GLY A 15 0.82 5.46 6.76
C GLY A 15 1.21 5.91 8.15
N SER A 16 1.24 4.93 9.06
CA SER A 16 1.55 5.18 10.45
C SER A 16 2.95 5.69 10.61
N GLY A 17 3.85 5.15 9.82
CA GLY A 17 5.26 5.49 9.88
C GLY A 17 5.75 6.41 8.78
N LEU A 18 5.25 6.19 7.56
CA LEU A 18 5.78 6.89 6.39
C LEU A 18 4.68 7.46 5.50
N VAL A 19 4.90 8.69 5.04
CA VAL A 19 4.13 9.25 3.93
C VAL A 19 4.76 8.79 2.62
N LYS A 20 3.96 8.28 1.68
CA LYS A 20 4.40 8.03 0.29
C LYS A 20 3.55 8.96 -0.56
N ALA A 21 4.17 9.91 -1.24
CA ALA A 21 3.42 10.91 -2.01
C ALA A 21 4.08 11.16 -3.34
N GLY A 22 3.25 11.46 -4.34
CA GLY A 22 3.78 11.70 -5.67
C GLY A 22 2.70 12.02 -6.66
N PHE A 23 3.04 11.84 -7.93
CA PHE A 23 2.19 12.23 -9.05
C PHE A 23 1.61 10.97 -9.75
N ALA A 24 0.31 10.96 -9.97
CA ALA A 24 -0.34 9.90 -10.71
C ALA A 24 0.32 9.78 -12.06
N GLY A 25 0.61 8.54 -12.45
CA GLY A 25 1.31 8.30 -13.70
C GLY A 25 2.77 7.96 -13.51
N ASP A 26 3.36 8.33 -12.37
CA ASP A 26 4.74 7.97 -12.09
C ASP A 26 4.74 6.53 -11.58
N ASP A 27 5.86 5.84 -11.73
CA ASP A 27 5.91 4.44 -11.31
C ASP A 27 6.32 4.30 -9.84
N ALA A 28 6.61 5.40 -9.16
CA ALA A 28 6.98 5.37 -7.75
C ALA A 28 6.72 6.73 -7.09
N PRO A 29 6.51 6.76 -5.76
CA PRO A 29 6.33 8.05 -5.07
C PRO A 29 7.60 8.85 -5.13
N ARG A 30 7.46 10.13 -5.41
CA ARG A 30 8.60 11.02 -5.45
C ARG A 30 9.05 11.43 -4.04
N ALA A 31 8.15 11.41 -3.07
CA ALA A 31 8.53 11.82 -1.71
C ALA A 31 8.15 10.73 -0.76
N VAL A 32 9.14 10.24 -0.03
CA VAL A 32 8.84 9.25 1.01
C VAL A 32 9.54 9.73 2.27
N PHE A 33 8.77 9.93 3.35
CA PHE A 33 9.34 10.55 4.54
C PHE A 33 8.51 10.27 5.77
N PRO A 34 9.14 10.38 6.96
CA PRO A 34 8.49 10.00 8.21
C PRO A 34 7.24 10.80 8.50
N SER A 35 6.19 10.09 8.90
CA SER A 35 4.91 10.72 9.21
C SER A 35 4.92 11.21 10.65
N ILE A 36 5.72 12.23 10.91
CA ILE A 36 5.97 12.71 12.25
C ILE A 36 5.99 14.22 12.31
N VAL A 37 5.54 14.75 13.44
CA VAL A 37 5.71 16.15 13.76
C VAL A 37 6.54 16.20 15.03
N GLY A 38 7.61 16.99 15.02
CA GLY A 38 8.49 17.10 16.16
C GLY A 38 8.47 18.49 16.75
N ARG A 39 8.48 18.56 18.09
CA ARG A 39 8.47 19.84 18.79
C ARG A 39 9.62 19.80 19.79
N PRO A 40 10.35 20.93 19.94
CA PRO A 40 11.58 20.94 20.76
C PRO A 40 11.38 20.54 22.21
N ARG A 41 12.28 19.70 22.68
CA ARG A 41 12.38 19.41 24.10
CA ARG A 41 12.40 19.41 24.11
C ARG A 41 12.99 20.60 24.82
N HIS A 42 12.70 20.71 26.12
CA HIS A 42 13.31 21.72 26.95
C HIS A 42 14.82 21.46 27.06
N GLN A 43 15.62 22.50 27.03
CA GLN A 43 17.08 22.37 27.08
C GLN A 43 17.69 23.12 28.24
N GLY A 44 16.85 23.54 29.18
CA GLY A 44 17.33 24.14 30.42
C GLY A 44 16.87 25.58 30.61
N VAL A 45 16.47 26.20 29.51
CA VAL A 45 16.02 27.60 29.49
C VAL A 45 14.66 27.67 28.76
N MET A 46 13.71 28.47 29.25
CA MET A 46 12.43 28.59 28.55
C MET A 46 12.67 29.37 27.26
N VAL A 47 12.17 28.86 26.15
CA VAL A 47 12.29 29.57 24.89
C VAL A 47 11.09 30.55 24.86
N GLY A 48 11.23 31.79 24.38
CA GLY A 48 12.37 32.34 23.68
C GLY A 48 11.93 32.53 22.24
N MET A 49 10.79 33.18 22.07
CA MET A 49 9.95 33.05 20.87
CA MET A 49 9.94 33.04 20.86
C MET A 49 10.56 33.47 19.53
N GLY A 50 9.72 33.45 18.49
CA GLY A 50 10.13 33.56 17.10
C GLY A 50 10.78 32.27 16.61
N GLN A 51 10.95 31.28 17.50
CA GLN A 51 11.64 30.05 17.14
C GLN A 51 10.73 29.09 16.41
N LYS A 52 11.32 28.34 15.48
CA LYS A 52 10.62 27.25 14.80
C LYS A 52 10.14 26.31 15.89
N ASP A 53 8.84 26.32 16.15
CA ASP A 53 8.29 25.57 17.26
C ASP A 53 7.81 24.19 16.82
N SER A 54 8.01 23.86 15.55
CA SER A 54 7.66 22.52 15.04
C SER A 54 8.44 22.15 13.76
N TYR A 55 8.57 20.84 13.54
CA TYR A 55 9.26 20.30 12.37
C TYR A 55 8.50 19.08 11.89
N VAL A 56 8.57 18.83 10.59
CA VAL A 56 7.84 17.70 9.98
C VAL A 56 8.76 16.79 9.16
N GLY A 57 8.51 15.48 9.20
CA GLY A 57 9.19 14.56 8.32
C GLY A 57 10.69 14.44 8.53
N ASP A 58 11.44 14.52 7.44
CA ASP A 58 12.88 14.26 7.46
C ASP A 58 13.61 15.12 8.51
N GLU A 59 13.27 16.41 8.57
CA GLU A 59 13.91 17.30 9.55
C GLU A 59 13.64 16.83 10.97
N ALA A 60 12.38 16.52 11.27
CA ALA A 60 12.02 16.09 12.61
C ALA A 60 12.85 14.87 13.00
N GLN A 61 13.05 13.98 12.03
CA GLN A 61 13.76 12.73 12.26
C GLN A 61 15.22 13.00 12.53
N SER A 62 15.79 13.89 11.74
CA SER A 62 17.19 14.25 11.90
C SER A 62 17.44 14.91 13.25
N LYS A 63 16.45 15.63 13.75
CA LYS A 63 16.60 16.39 14.99
C LYS A 63 15.97 15.69 16.19
N ARG A 64 15.76 14.38 16.04
CA ARG A 64 14.96 13.65 17.00
C ARG A 64 15.55 13.74 18.39
N GLY A 65 16.87 13.90 18.48
CA GLY A 65 17.55 13.99 19.77
C GLY A 65 17.06 15.16 20.60
N ILE A 66 16.64 16.24 19.95
CA ILE A 66 16.16 17.41 20.68
C ILE A 66 14.69 17.73 20.42
N LEU A 67 13.95 16.75 19.87
CA LEU A 67 12.51 16.92 19.65
C LEU A 67 11.70 15.81 20.33
N THR A 68 10.45 16.10 20.68
CA THR A 68 9.47 15.06 21.01
C THR A 68 8.66 14.82 19.75
N LEU A 69 8.63 13.56 19.29
CA LEU A 69 7.94 13.23 18.05
C LEU A 69 6.52 12.76 18.33
N LYS A 70 5.59 13.19 17.49
CA LYS A 70 4.24 12.67 17.52
C LYS A 70 3.94 12.11 16.14
N TYR A 71 3.17 11.02 16.14
CA TYR A 71 2.72 10.37 14.93
C TYR A 71 1.20 10.57 14.80
N PRO A 72 0.75 11.34 13.81
CA PRO A 72 -0.69 11.61 13.72
C PRO A 72 -1.57 10.40 13.38
N ILE A 73 -0.96 9.41 12.74
CA ILE A 73 -1.65 8.17 12.36
C ILE A 73 -1.19 7.08 13.28
N GLU A 74 -2.15 6.41 13.93
CA GLU A 74 -1.87 5.31 14.87
C GLU A 74 -2.57 4.06 14.38
N HIC A 75 -1.80 3.01 14.18
CA HIC A 75 -2.31 1.73 13.66
C HIC A 75 -3.12 1.94 12.38
O HIC A 75 -4.17 1.29 12.18
CB HIC A 75 -3.15 1.02 14.74
CG HIC A 75 -2.45 0.86 16.05
ND1 HIC A 75 -1.20 0.29 16.16
CD2 HIC A 75 -2.82 1.21 17.31
CE1 HIC A 75 -0.83 0.31 17.44
NE2 HIC A 75 -1.79 0.85 18.15
CZ HIC A 75 -1.82 1.06 19.59
H HIC A 75 -0.95 3.00 14.34
HA HIC A 75 -1.57 1.16 13.45
HB2 HIC A 75 -3.96 1.53 14.90
HB3 HIC A 75 -3.39 0.13 14.42
HD2 HIC A 75 -3.62 1.62 17.55
HE1 HIC A 75 -0.03 -0.02 17.77
HZ1 HIC A 75 -2.72 0.99 19.92
HZ2 HIC A 75 -1.45 1.98 19.80
HZ3 HIC A 75 -1.30 0.42 19.99
N GLY A 76 -2.61 2.81 11.52
CA GLY A 76 -3.24 3.13 10.25
C GLY A 76 -4.43 4.09 10.26
N ILE A 77 -4.91 4.46 11.45
CA ILE A 77 -6.04 5.37 11.60
C ILE A 77 -5.56 6.80 11.97
N ILE A 78 -6.08 7.82 11.28
CA ILE A 78 -5.75 9.21 11.68
C ILE A 78 -6.36 9.52 13.02
N THR A 79 -5.53 9.87 13.99
CA THR A 79 -6.04 10.18 15.33
C THR A 79 -5.73 11.60 15.78
N ASN A 80 -4.69 12.22 15.25
CA ASN A 80 -4.41 13.63 15.57
C ASN A 80 -4.64 14.47 14.33
N TRP A 81 -5.82 15.09 14.24
CA TRP A 81 -6.21 15.77 12.98
C TRP A 81 -5.43 17.05 12.76
N ASP A 82 -5.09 17.74 13.84
CA ASP A 82 -4.31 18.96 13.73
C ASP A 82 -2.95 18.64 13.12
N ASP A 83 -2.28 17.63 13.64
CA ASP A 83 -0.97 17.32 13.12
C ASP A 83 -1.06 16.64 11.74
N MET A 84 -2.17 15.92 11.45
CA MET A 84 -2.35 15.35 10.13
C MET A 84 -2.45 16.48 9.10
N GLU A 85 -3.18 17.54 9.45
CA GLU A 85 -3.30 18.66 8.52
C GLU A 85 -1.90 19.27 8.26
N LYS A 86 -1.07 19.34 9.30
CA LYS A 86 0.30 19.85 9.19
CA LYS A 86 0.31 19.84 9.19
C LYS A 86 1.14 19.01 8.22
N ILE A 87 1.02 17.70 8.33
CA ILE A 87 1.68 16.76 7.43
C ILE A 87 1.22 16.91 6.00
N TRP A 88 -0.10 17.01 5.81
CA TRP A 88 -0.61 17.17 4.45
C TRP A 88 -0.08 18.48 3.86
N HIS A 89 -0.12 19.55 4.64
CA HIS A 89 0.37 20.85 4.21
C HIS A 89 1.82 20.73 3.82
N HIS A 90 2.61 20.10 4.68
CA HIS A 90 4.02 19.98 4.41
C HIS A 90 4.25 19.15 3.16
N THR A 91 3.47 18.08 2.99
CA THR A 91 3.59 17.21 1.81
C THR A 91 3.38 18.01 0.52
N PHE A 92 2.30 18.78 0.46
CA PHE A 92 1.97 19.56 -0.73
C PHE A 92 3.03 20.62 -1.02
N TYR A 93 3.28 21.47 -0.03
CA TYR A 93 4.03 22.68 -0.25
C TYR A 93 5.53 22.49 -0.18
N ASN A 94 5.99 21.55 0.64
CA ASN A 94 7.41 21.50 0.96
C ASN A 94 8.11 20.25 0.47
N GLU A 95 7.35 19.27 0.01
CA GLU A 95 7.97 18.05 -0.53
C GLU A 95 7.60 17.93 -2.02
N LEU A 96 6.30 17.93 -2.34
CA LEU A 96 5.91 17.88 -3.75
C LEU A 96 6.02 19.24 -4.43
N ARG A 97 5.99 20.30 -3.63
CA ARG A 97 6.06 21.68 -4.12
C ARG A 97 5.00 21.99 -5.16
N VAL A 98 3.75 21.79 -4.78
CA VAL A 98 2.61 22.09 -5.62
C VAL A 98 1.59 22.98 -4.89
N ALA A 99 0.70 23.56 -5.68
CA ALA A 99 -0.47 24.27 -5.14
C ALA A 99 -1.63 23.28 -5.13
N PRO A 100 -2.09 22.86 -3.94
CA PRO A 100 -3.11 21.80 -3.94
C PRO A 100 -4.37 22.15 -4.73
N GLU A 101 -4.72 23.44 -4.78
CA GLU A 101 -5.93 23.84 -5.49
C GLU A 101 -5.84 23.56 -6.99
N GLU A 102 -4.64 23.22 -7.47
CA GLU A 102 -4.42 22.90 -8.88
C GLU A 102 -4.48 21.40 -9.21
N HIS A 103 -4.65 20.54 -8.21
CA HIS A 103 -4.51 19.10 -8.43
C HIS A 103 -5.57 18.20 -7.80
N PRO A 104 -6.28 17.39 -8.62
CA PRO A 104 -7.08 16.32 -8.02
C PRO A 104 -6.18 15.47 -7.13
N THR A 105 -6.68 15.06 -5.98
CA THR A 105 -5.85 14.39 -4.99
C THR A 105 -6.47 13.10 -4.51
N LEU A 106 -5.74 12.01 -4.75
CA LEU A 106 -6.14 10.69 -4.32
CA LEU A 106 -6.12 10.67 -4.35
C LEU A 106 -5.42 10.38 -3.04
N LEU A 107 -6.22 10.04 -2.03
CA LEU A 107 -5.74 9.68 -0.72
C LEU A 107 -6.05 8.20 -0.50
N THR A 108 -5.35 7.61 0.45
CA THR A 108 -5.64 6.22 0.83
C THR A 108 -6.09 6.09 2.25
N GLU A 109 -6.75 4.98 2.55
CA GLU A 109 -7.28 4.77 3.90
C GLU A 109 -7.12 3.33 4.31
N ALA A 110 -7.15 3.12 5.62
CA ALA A 110 -7.08 1.77 6.16
C ALA A 110 -8.38 1.06 5.88
N PRO A 111 -8.29 -0.26 5.80
CA PRO A 111 -9.46 -1.13 5.88
C PRO A 111 -10.24 -0.79 7.15
N LEU A 112 -11.56 -0.71 7.00
CA LEU A 112 -12.49 -0.43 8.12
C LEU A 112 -12.28 0.94 8.77
N ASN A 113 -11.71 1.88 8.03
CA ASN A 113 -11.64 3.27 8.47
C ASN A 113 -13.03 3.77 8.91
N PRO A 114 -13.13 4.38 10.10
CA PRO A 114 -14.48 4.80 10.53
C PRO A 114 -15.13 5.83 9.63
N LYS A 115 -16.44 5.83 9.57
CA LYS A 115 -17.17 6.72 8.68
C LYS A 115 -16.77 8.17 8.93
N ALA A 116 -16.64 8.53 10.21
CA ALA A 116 -16.41 9.93 10.60
C ALA A 116 -15.02 10.39 10.13
N ASN A 117 -14.09 9.46 10.09
CA ASN A 117 -12.72 9.75 9.60
C ASN A 117 -12.66 10.03 8.11
N ARG A 118 -13.37 9.23 7.33
CA ARG A 118 -13.44 9.43 5.87
C ARG A 118 -14.04 10.79 5.56
N GLU A 119 -15.07 11.16 6.33
CA GLU A 119 -15.70 12.47 6.19
C GLU A 119 -14.71 13.58 6.52
N LYS A 120 -13.93 13.43 7.58
CA LYS A 120 -13.04 14.52 8.01
C LYS A 120 -11.90 14.71 6.98
N MET A 121 -11.37 13.61 6.47
CA MET A 121 -10.40 13.67 5.38
CA MET A 121 -10.40 13.66 5.38
C MET A 121 -10.95 14.47 4.20
N THR A 122 -12.19 14.16 3.82
CA THR A 122 -12.85 14.83 2.70
C THR A 122 -13.00 16.30 3.03
N GLN A 123 -13.48 16.58 4.23
CA GLN A 123 -13.72 17.93 4.62
C GLN A 123 -12.44 18.75 4.58
N ILE A 124 -11.34 18.17 5.07
CA ILE A 124 -10.11 18.90 5.15
C ILE A 124 -9.57 19.18 3.74
N MET A 125 -9.60 18.19 2.85
CA MET A 125 -9.06 18.39 1.52
C MET A 125 -9.77 19.54 0.81
N PHE A 126 -11.08 19.61 0.94
CA PHE A 126 -11.80 20.67 0.25
C PHE A 126 -11.76 22.00 0.99
N GLU A 127 -11.93 21.98 2.32
CA GLU A 127 -12.11 23.24 3.03
C GLU A 127 -10.76 23.86 3.42
N THR A 128 -9.81 23.04 3.81
CA THR A 128 -8.46 23.56 4.12
C THR A 128 -7.63 23.79 2.86
N PHE A 129 -7.51 22.75 2.02
CA PHE A 129 -6.59 22.80 0.89
C PHE A 129 -7.22 23.19 -0.43
N ASN A 130 -8.54 23.28 -0.47
CA ASN A 130 -9.27 23.74 -1.65
C ASN A 130 -8.93 22.92 -2.91
N VAL A 131 -8.73 21.61 -2.74
CA VAL A 131 -8.47 20.77 -3.92
C VAL A 131 -9.65 20.83 -4.89
N PRO A 132 -9.38 20.67 -6.20
CA PRO A 132 -10.47 20.69 -7.19
C PRO A 132 -11.29 19.40 -7.22
N ALA A 133 -10.70 18.34 -6.69
CA ALA A 133 -11.35 17.04 -6.68
C ALA A 133 -10.57 16.11 -5.78
N MET A 134 -11.20 15.08 -5.25
CA MET A 134 -10.48 14.12 -4.44
CA MET A 134 -10.47 14.11 -4.45
C MET A 134 -11.16 12.76 -4.41
N TYR A 135 -10.42 11.79 -3.93
CA TYR A 135 -10.92 10.42 -3.85
C TYR A 135 -10.17 9.74 -2.73
N VAL A 136 -10.79 8.76 -2.10
CA VAL A 136 -10.22 7.97 -1.02
CA VAL A 136 -10.09 7.96 -1.11
C VAL A 136 -10.34 6.49 -1.38
N ALA A 137 -9.22 5.78 -1.49
CA ALA A 137 -9.20 4.35 -1.81
C ALA A 137 -8.65 3.52 -0.67
N ILE A 138 -9.11 2.29 -0.56
CA ILE A 138 -8.59 1.40 0.46
C ILE A 138 -7.21 0.86 0.09
N GLN A 139 -6.28 0.98 1.03
CA GLN A 139 -4.88 0.66 0.77
C GLN A 139 -4.68 -0.76 0.22
N ALA A 140 -5.21 -1.77 0.91
CA ALA A 140 -5.01 -3.15 0.46
C ALA A 140 -5.60 -3.41 -0.91
N VAL A 141 -6.70 -2.75 -1.25
CA VAL A 141 -7.30 -2.94 -2.54
C VAL A 141 -6.37 -2.39 -3.63
N LEU A 142 -5.78 -1.23 -3.39
CA LEU A 142 -4.80 -0.67 -4.32
C LEU A 142 -3.63 -1.62 -4.54
N SER A 143 -3.14 -2.23 -3.45
CA SER A 143 -2.01 -3.19 -3.57
C SER A 143 -2.41 -4.38 -4.44
N LEU A 144 -3.64 -4.85 -4.26
CA LEU A 144 -4.11 -5.97 -5.06
C LEU A 144 -4.15 -5.58 -6.53
N TYR A 145 -4.69 -4.42 -6.82
CA TYR A 145 -4.75 -3.93 -8.21
C TYR A 145 -3.33 -3.81 -8.76
N ALA A 146 -2.41 -3.28 -7.98
CA ALA A 146 -1.02 -3.17 -8.43
C ALA A 146 -0.41 -4.51 -8.80
N SER A 147 -0.90 -5.59 -8.21
CA SER A 147 -0.38 -6.92 -8.55
C SER A 147 -1.09 -7.52 -9.75
N GLY A 148 -2.01 -6.77 -10.35
CA GLY A 148 -2.68 -7.24 -11.56
C GLY A 148 -3.76 -8.29 -11.29
N ARG A 149 -4.49 -8.10 -10.19
CA ARG A 149 -5.50 -9.06 -9.71
C ARG A 149 -6.74 -8.31 -9.27
N THR A 150 -7.91 -8.96 -9.43
CA THR A 150 -9.14 -8.46 -8.82
C THR A 150 -9.62 -9.31 -7.65
N THR A 151 -9.03 -10.50 -7.47
CA THR A 151 -9.37 -11.42 -6.38
C THR A 151 -8.11 -11.92 -5.72
N GLY A 152 -8.06 -11.82 -4.40
CA GLY A 152 -6.96 -12.37 -3.62
C GLY A 152 -7.10 -11.95 -2.18
N ILE A 153 -6.20 -12.40 -1.35
CA ILE A 153 -6.16 -11.93 0.03
C ILE A 153 -4.83 -11.23 0.26
N VAL A 154 -4.93 -9.97 0.68
CA VAL A 154 -3.75 -9.15 0.91
C VAL A 154 -3.33 -9.28 2.35
N LEU A 155 -2.02 -9.47 2.55
CA LEU A 155 -1.38 -9.26 3.82
C LEU A 155 -0.68 -7.92 3.73
N ASP A 156 -1.21 -6.92 4.40
CA ASP A 156 -0.63 -5.57 4.37
C ASP A 156 -0.05 -5.27 5.75
N SER A 157 1.25 -5.08 5.81
CA SER A 157 1.95 -4.92 7.09
C SER A 157 2.99 -3.80 6.98
N GLY A 158 2.77 -2.72 7.73
CA GLY A 158 3.62 -1.55 7.65
C GLY A 158 4.36 -1.28 8.95
N ASP A 159 4.32 -0.02 9.39
CA ASP A 159 4.98 0.36 10.61
C ASP A 159 4.08 0.28 11.85
N GLY A 160 2.76 0.39 11.68
CA GLY A 160 1.85 0.45 12.82
C GLY A 160 0.75 -0.61 12.87
N VAL A 161 0.38 -1.19 11.74
CA VAL A 161 -0.73 -2.12 11.72
C VAL A 161 -0.50 -3.21 10.66
N THR A 162 -1.04 -4.39 10.93
CA THR A 162 -1.10 -5.49 9.95
C THR A 162 -2.56 -5.84 9.71
N HIS A 163 -2.94 -5.96 8.44
CA HIS A 163 -4.25 -6.42 8.07
C HIS A 163 -4.19 -7.62 7.16
N ASN A 164 -5.17 -8.50 7.32
CA ASN A 164 -5.56 -9.46 6.29
C ASN A 164 -6.85 -8.98 5.63
N VAL A 165 -6.80 -8.73 4.32
CA VAL A 165 -7.94 -8.24 3.57
C VAL A 165 -8.31 -9.12 2.39
N PRO A 166 -9.36 -9.96 2.52
CA PRO A 166 -9.84 -10.71 1.36
C PRO A 166 -10.66 -9.83 0.44
N ILE A 167 -10.40 -9.97 -0.84
CA ILE A 167 -10.99 -9.14 -1.88
C ILE A 167 -11.49 -10.08 -2.97
N TYR A 168 -12.73 -9.88 -3.39
CA TYR A 168 -13.37 -10.66 -4.44
C TYR A 168 -13.93 -9.81 -5.53
N GLU A 169 -13.48 -10.08 -6.73
CA GLU A 169 -13.91 -9.38 -7.94
C GLU A 169 -13.91 -7.86 -7.74
N GLY A 170 -12.87 -7.41 -7.04
CA GLY A 170 -12.58 -6.01 -6.93
C GLY A 170 -12.85 -5.36 -5.61
N TYR A 171 -13.61 -6.03 -4.75
CA TYR A 171 -14.08 -5.44 -3.50
C TYR A 171 -13.72 -6.26 -2.30
N ALA A 172 -13.26 -5.53 -1.28
CA ALA A 172 -12.95 -6.14 -0.02
C ALA A 172 -14.19 -6.71 0.62
N LEU A 173 -14.03 -7.81 1.35
CA LEU A 173 -15.11 -8.39 2.13
C LEU A 173 -14.95 -7.95 3.57
N PRO A 174 -15.65 -6.87 3.96
CA PRO A 174 -15.39 -6.31 5.28
C PRO A 174 -15.55 -7.28 6.46
N HIS A 175 -16.51 -8.20 6.39
CA HIS A 175 -16.78 -9.06 7.53
C HIS A 175 -15.57 -9.97 7.82
N ALA A 176 -14.67 -10.14 6.84
CA ALA A 176 -13.59 -11.10 7.00
C ALA A 176 -12.22 -10.47 7.18
N ILE A 177 -12.19 -9.16 7.24
CA ILE A 177 -10.94 -8.43 7.43
C ILE A 177 -10.49 -8.65 8.84
N MET A 178 -9.18 -8.88 8.99
CA MET A 178 -8.56 -9.03 10.31
CA MET A 178 -8.55 -9.03 10.30
C MET A 178 -7.54 -7.92 10.50
N ARG A 179 -7.55 -7.31 11.68
CA ARG A 179 -6.56 -6.29 12.05
C ARG A 179 -5.74 -6.78 13.22
N LEU A 180 -4.42 -6.64 13.10
CA LEU A 180 -3.51 -6.95 14.18
C LEU A 180 -2.65 -5.72 14.46
N ASP A 181 -2.69 -5.21 15.69
CA ASP A 181 -1.88 -4.07 16.05
C ASP A 181 -0.48 -4.51 16.43
N LEU A 182 0.20 -5.05 15.45
CA LEU A 182 1.60 -5.50 15.56
C LEU A 182 2.22 -5.33 14.18
N ALA A 183 3.29 -4.54 14.10
CA ALA A 183 3.88 -4.26 12.80
C ALA A 183 5.29 -3.75 13.03
N GLY A 184 5.84 -3.05 12.05
CA GLY A 184 7.25 -2.74 12.03
C GLY A 184 7.78 -2.02 13.26
N ARG A 185 7.02 -1.08 13.83
CA ARG A 185 7.53 -0.34 14.99
C ARG A 185 7.69 -1.26 16.20
N ASP A 186 6.77 -2.19 16.34
CA ASP A 186 6.87 -3.18 17.39
C ASP A 186 8.07 -4.05 17.17
N LEU A 187 8.38 -4.35 15.92
CA LEU A 187 9.52 -5.22 15.63
C LEU A 187 10.80 -4.49 15.89
N THR A 188 10.85 -3.20 15.57
CA THR A 188 12.01 -2.37 15.94
C THR A 188 12.15 -2.31 17.46
N ASP A 189 11.04 -2.09 18.18
CA ASP A 189 11.14 -2.05 19.67
C ASP A 189 11.69 -3.37 20.19
N TYR A 190 11.23 -4.46 19.56
CA TYR A 190 11.62 -5.79 20.03
C TYR A 190 13.08 -6.06 19.74
N LEU A 191 13.52 -5.72 18.52
CA LEU A 191 14.94 -5.85 18.18
C LEU A 191 15.80 -5.02 19.15
N MET A 192 15.37 -3.81 19.49
CA MET A 192 16.10 -2.99 20.47
C MET A 192 16.23 -3.75 21.79
N LYS A 193 15.14 -4.37 22.22
CA LYS A 193 15.13 -5.11 23.47
C LYS A 193 16.10 -6.30 23.44
N ILE A 194 16.09 -7.07 22.36
CA ILE A 194 16.94 -8.27 22.37
C ILE A 194 18.40 -7.93 22.06
N LEU A 195 18.65 -6.84 21.36
CA LEU A 195 20.04 -6.34 21.29
C LEU A 195 20.55 -5.88 22.66
N THR A 196 19.68 -5.23 23.43
CA THR A 196 20.05 -4.83 24.80
C THR A 196 20.38 -6.08 25.60
N GLU A 197 19.60 -7.15 25.41
CA GLU A 197 19.85 -8.44 26.05
C GLU A 197 21.26 -8.94 25.74
N ARG A 198 21.72 -8.74 24.51
CA ARG A 198 23.05 -9.20 24.07
C ARG A 198 24.18 -8.26 24.50
N GLY A 199 23.82 -7.08 24.99
CA GLY A 199 24.81 -6.16 25.56
C GLY A 199 24.97 -4.88 24.75
N TYR A 200 24.06 -4.67 23.78
CA TYR A 200 24.06 -3.46 22.95
C TYR A 200 22.81 -2.62 23.23
N SER A 201 22.92 -1.63 24.10
CA SER A 201 21.72 -0.94 24.58
C SER A 201 21.36 0.30 23.74
N PHE A 202 20.65 0.08 22.63
CA PHE A 202 20.34 1.17 21.69
C PHE A 202 18.97 1.77 22.02
N VAL A 203 18.86 2.43 23.17
CA VAL A 203 17.52 2.70 23.72
C VAL A 203 17.14 4.18 23.70
N THR A 204 18.03 5.05 23.26
CA THR A 204 17.67 6.46 23.15
C THR A 204 17.18 6.77 21.73
N THR A 205 16.50 7.90 21.60
CA THR A 205 15.92 8.26 20.32
C THR A 205 17.06 8.42 19.28
N ALA A 206 18.21 8.93 19.73
CA ALA A 206 19.40 9.11 18.89
C ALA A 206 19.87 7.80 18.22
N GLU A 207 19.69 6.69 18.94
CA GLU A 207 20.10 5.34 18.48
C GLU A 207 19.04 4.55 17.72
N ARG A 208 17.82 5.06 17.70
CA ARG A 208 16.69 4.34 17.13
C ARG A 208 16.88 3.95 15.66
N GLU A 209 17.51 4.85 14.91
CA GLU A 209 17.69 4.65 13.46
C GLU A 209 18.71 3.56 13.19
N ILE A 210 19.66 3.38 14.09
CA ILE A 210 20.57 2.25 14.00
C ILE A 210 19.77 0.95 14.10
N VAL A 211 18.85 0.91 15.05
CA VAL A 211 18.10 -0.32 15.26
C VAL A 211 17.24 -0.61 14.03
N ARG A 212 16.57 0.42 13.50
CA ARG A 212 15.76 0.21 12.29
C ARG A 212 16.63 -0.27 11.12
N ASP A 213 17.82 0.28 10.99
CA ASP A 213 18.66 -0.11 9.89
C ASP A 213 19.12 -1.56 10.00
N ILE A 214 19.51 -1.97 11.20
CA ILE A 214 19.88 -3.38 11.43
C ILE A 214 18.70 -4.27 11.04
N LYS A 215 17.51 -3.84 11.45
CA LYS A 215 16.30 -4.61 11.19
C LYS A 215 16.12 -4.80 9.68
N GLU A 216 16.21 -3.71 8.92
CA GLU A 216 15.91 -3.74 7.50
C GLU A 216 17.00 -4.41 6.67
N LYS A 217 18.19 -4.52 7.23
CA LYS A 217 19.35 -5.00 6.48
C LYS A 217 19.74 -6.44 6.82
N LEU A 218 19.53 -6.84 8.07
CA LEU A 218 20.11 -8.10 8.54
C LEU A 218 19.10 -9.11 9.05
N CYS A 219 17.85 -8.71 9.26
CA CYS A 219 16.86 -9.61 9.81
C CYS A 219 16.26 -10.48 8.71
N TYR A 220 15.77 -11.66 9.07
CA TYR A 220 15.12 -12.54 8.08
C TYR A 220 14.21 -13.49 8.79
N VAL A 221 13.26 -14.06 8.06
CA VAL A 221 12.35 -15.03 8.64
C VAL A 221 12.91 -16.44 8.41
N ALA A 222 13.09 -17.21 9.48
CA ALA A 222 13.54 -18.60 9.36
C ALA A 222 12.42 -19.49 8.82
N LEU A 223 12.78 -20.46 8.01
CA LEU A 223 11.77 -21.35 7.49
C LEU A 223 11.28 -22.27 8.61
N ASP A 224 12.23 -22.72 9.44
CA ASP A 224 11.94 -23.48 10.65
C ASP A 224 12.66 -22.83 11.84
N PHE A 225 11.89 -22.10 12.63
CA PHE A 225 12.48 -21.25 13.65
C PHE A 225 13.34 -22.04 14.65
N GLU A 226 12.78 -23.08 15.27
CA GLU A 226 13.49 -23.78 16.34
C GLU A 226 14.74 -24.48 15.80
N ASN A 227 14.67 -25.02 14.58
CA ASN A 227 15.91 -25.49 13.93
C ASN A 227 16.94 -24.38 13.80
N GLU A 228 16.49 -23.22 13.34
CA GLU A 228 17.38 -22.09 13.20
C GLU A 228 18.05 -21.66 14.52
N MET A 229 17.30 -21.75 15.60
CA MET A 229 17.79 -21.35 16.91
C MET A 229 18.94 -22.31 17.32
N ALA A 230 18.75 -23.57 16.96
CA ALA A 230 19.75 -24.60 17.24
C ALA A 230 21.00 -24.34 16.40
N THR A 231 20.85 -23.93 15.14
CA THR A 231 22.03 -23.61 14.34
C THR A 231 22.79 -22.44 14.98
N ALA A 232 22.08 -21.42 15.41
CA ALA A 232 22.73 -20.26 15.98
C ALA A 232 23.45 -20.58 17.28
N ALA A 233 22.95 -21.58 18.01
CA ALA A 233 23.57 -21.96 19.28
C ALA A 233 24.77 -22.90 19.05
N SER A 234 24.78 -23.54 17.88
CA SER A 234 25.75 -24.61 17.61
C SER A 234 26.98 -24.16 16.82
N SER A 235 26.93 -22.94 16.30
CA SER A 235 27.93 -22.44 15.38
C SER A 235 27.81 -20.92 15.28
N SER A 236 28.80 -20.28 14.68
CA SER A 236 28.73 -18.85 14.41
C SER A 236 28.27 -18.57 12.97
N SER A 237 27.72 -19.60 12.33
CA SER A 237 27.50 -19.56 10.90
C SER A 237 26.43 -18.54 10.47
N LEU A 238 25.61 -18.08 11.40
CA LEU A 238 24.51 -17.16 11.05
C LEU A 238 24.80 -15.75 11.52
N GLU A 239 25.98 -15.53 12.11
CA GLU A 239 26.28 -14.23 12.66
C GLU A 239 26.64 -13.26 11.54
N LYS A 240 26.40 -11.99 11.81
CA LYS A 240 26.76 -10.94 10.88
C LYS A 240 27.43 -9.87 11.70
N SER A 241 28.43 -9.23 11.12
CA SER A 241 28.99 -8.03 11.70
C SER A 241 28.20 -6.84 11.15
N TYR A 242 28.13 -5.78 11.93
CA TYR A 242 27.43 -4.58 11.51
C TYR A 242 28.23 -3.37 11.93
N GLU A 243 28.52 -2.49 10.99
CA GLU A 243 29.32 -1.29 11.29
C GLU A 243 28.39 -0.15 11.71
N LEU A 244 28.63 0.37 12.89
CA LEU A 244 27.87 1.48 13.44
C LEU A 244 28.35 2.79 12.82
N PRO A 245 27.56 3.86 12.94
CA PRO A 245 27.95 5.14 12.32
C PRO A 245 29.29 5.71 12.76
N ASP A 246 29.82 5.27 13.92
CA ASP A 246 31.08 5.78 14.41
C ASP A 246 32.23 4.83 14.10
N GLY A 247 31.98 3.81 13.28
CA GLY A 247 33.02 2.89 12.89
C GLY A 247 33.15 1.67 13.78
N GLN A 248 32.53 1.69 14.96
CA GLN A 248 32.49 0.49 15.80
C GLN A 248 31.76 -0.63 15.07
N VAL A 249 32.22 -1.86 15.29
CA VAL A 249 31.61 -3.03 14.66
C VAL A 249 31.06 -3.96 15.72
N ILE A 250 29.78 -4.27 15.58
CA ILE A 250 29.11 -5.18 16.49
C ILE A 250 28.74 -6.48 15.77
N THR A 251 28.47 -7.51 16.56
CA THR A 251 28.06 -8.80 16.04
C THR A 251 26.67 -9.20 16.54
N ILE A 252 25.81 -9.61 15.61
CA ILE A 252 24.49 -10.10 15.97
C ILE A 252 24.25 -11.50 15.42
N GLY A 253 23.49 -12.28 16.18
CA GLY A 253 23.25 -13.68 15.86
C GLY A 253 21.78 -13.96 15.72
N ASN A 254 21.22 -14.73 16.65
CA ASN A 254 19.85 -15.19 16.48
C ASN A 254 18.84 -14.03 16.54
N GLU A 255 19.30 -12.83 16.88
CA GLU A 255 18.40 -11.65 16.84
C GLU A 255 17.91 -11.40 15.43
N ARG A 256 18.71 -11.82 14.44
CA ARG A 256 18.32 -11.64 13.04
C ARG A 256 16.98 -12.23 12.71
N PHE A 257 16.68 -13.43 13.22
CA PHE A 257 15.42 -14.09 12.86
C PHE A 257 14.45 -14.20 14.03
N ARG A 258 14.94 -14.00 15.24
CA ARG A 258 14.04 -13.86 16.38
C ARG A 258 13.13 -12.65 16.18
N CYS A 259 13.67 -11.55 15.65
CA CYS A 259 12.89 -10.32 15.57
C CYS A 259 11.61 -10.49 14.77
N PRO A 260 11.69 -10.88 13.49
CA PRO A 260 10.45 -11.05 12.73
C PRO A 260 9.68 -12.34 13.05
N GLU A 261 10.26 -13.26 13.81
CA GLU A 261 9.52 -14.46 14.25
C GLU A 261 8.29 -13.99 15.03
N THR A 262 8.41 -12.81 15.62
CA THR A 262 7.32 -12.22 16.37
C THR A 262 6.01 -12.13 15.54
N LEU A 263 6.12 -11.90 14.23
CA LEU A 263 4.96 -11.87 13.33
C LEU A 263 4.20 -13.18 13.40
N PHE A 264 4.94 -14.27 13.53
CA PHE A 264 4.37 -15.60 13.64
C PHE A 264 4.07 -16.00 15.07
N GLN A 265 4.80 -15.40 16.02
CA GLN A 265 4.63 -15.66 17.45
C GLN A 265 4.55 -14.36 18.27
N PRO A 266 3.38 -13.72 18.25
CA PRO A 266 3.30 -12.41 18.90
C PRO A 266 3.51 -12.47 20.41
N SER A 267 3.45 -13.66 21.00
CA SER A 267 3.72 -13.78 22.41
C SER A 267 5.17 -13.38 22.74
N PHE A 268 6.07 -13.31 21.76
CA PHE A 268 7.46 -12.87 22.02
C PHE A 268 7.51 -11.46 22.61
N ILE A 269 6.53 -10.64 22.27
CA ILE A 269 6.45 -9.31 22.88
C ILE A 269 5.23 -9.20 23.77
N GLY A 270 4.74 -10.34 24.22
CA GLY A 270 3.67 -10.39 25.21
C GLY A 270 2.27 -10.12 24.68
N MET A 271 2.10 -10.14 23.36
CA MET A 271 0.78 -9.98 22.79
C MET A 271 0.07 -11.32 22.71
N GLU A 272 -1.23 -11.34 22.95
CA GLU A 272 -1.98 -12.60 23.00
C GLU A 272 -2.50 -13.03 21.62
N SER A 273 -2.27 -12.20 20.63
CA SER A 273 -2.82 -12.43 19.30
CA SER A 273 -2.82 -12.43 19.30
C SER A 273 -2.24 -13.65 18.58
N ALA A 274 -3.02 -14.23 17.69
CA ALA A 274 -2.52 -15.27 16.79
C ALA A 274 -1.53 -14.61 15.84
N GLY A 275 -0.62 -15.39 15.27
CA GLY A 275 0.33 -14.88 14.31
C GLY A 275 -0.27 -14.69 12.93
N ILE A 276 0.47 -14.05 12.04
CA ILE A 276 -0.05 -13.64 10.73
C ILE A 276 -0.43 -14.82 9.83
N HIS A 277 0.15 -15.99 10.03
CA HIS A 277 -0.29 -17.16 9.26
C HIS A 277 -1.69 -17.59 9.70
N GLU A 278 -1.94 -17.53 10.99
CA GLU A 278 -3.24 -17.93 11.54
C GLU A 278 -4.30 -16.91 11.24
N THR A 279 -3.94 -15.64 11.25
CA THR A 279 -4.96 -14.63 10.93
C THR A 279 -5.31 -14.68 9.45
N THR A 280 -4.32 -14.99 8.60
CA THR A 280 -4.57 -15.19 7.18
C THR A 280 -5.57 -16.32 6.99
N TYR A 281 -5.32 -17.46 7.61
CA TYR A 281 -6.22 -18.60 7.53
C TYR A 281 -7.60 -18.26 8.09
N ASN A 282 -7.64 -17.59 9.24
CA ASN A 282 -8.92 -17.28 9.88
C ASN A 282 -9.75 -16.35 8.96
N SER A 283 -9.09 -15.39 8.32
CA SER A 283 -9.76 -14.51 7.37
C SER A 283 -10.38 -15.27 6.18
N ILE A 284 -9.60 -16.16 5.60
CA ILE A 284 -10.09 -16.98 4.49
C ILE A 284 -11.28 -17.80 4.93
N MET A 285 -11.24 -18.31 6.16
CA MET A 285 -12.28 -19.20 6.65
C MET A 285 -13.59 -18.44 6.98
N LYS A 286 -13.51 -17.13 7.08
CA LYS A 286 -14.70 -16.30 7.24
C LYS A 286 -15.35 -16.03 5.89
N CYS A 287 -14.68 -16.39 4.80
CA CYS A 287 -15.23 -16.14 3.47
C CYS A 287 -15.99 -17.35 2.97
N ASP A 288 -16.85 -17.10 2.00
CA ASP A 288 -17.63 -18.14 1.33
C ASP A 288 -16.71 -19.25 0.83
N ILE A 289 -17.06 -20.49 1.15
CA ILE A 289 -16.25 -21.64 0.78
C ILE A 289 -15.95 -21.63 -0.71
N ASP A 290 -16.90 -21.12 -1.48
CA ASP A 290 -16.80 -21.11 -2.93
C ASP A 290 -15.70 -20.18 -3.47
N ILE A 291 -15.24 -19.21 -2.68
CA ILE A 291 -14.21 -18.31 -3.16
C ILE A 291 -12.85 -18.58 -2.50
N ARG A 292 -12.81 -19.47 -1.54
CA ARG A 292 -11.59 -19.69 -0.75
C ARG A 292 -10.44 -20.14 -1.61
N LYS A 293 -10.71 -21.00 -2.60
CA LYS A 293 -9.68 -21.53 -3.47
C LYS A 293 -8.94 -20.39 -4.17
N ASP A 294 -9.70 -19.42 -4.66
CA ASP A 294 -9.10 -18.23 -5.27
C ASP A 294 -8.28 -17.38 -4.29
N LEU A 295 -8.68 -17.33 -3.03
CA LEU A 295 -7.91 -16.58 -2.05
C LEU A 295 -6.58 -17.29 -1.77
N TYR A 296 -6.60 -18.60 -1.57
CA TYR A 296 -5.39 -19.35 -1.28
C TYR A 296 -4.32 -19.22 -2.36
N ALA A 297 -4.78 -19.14 -3.60
CA ALA A 297 -3.92 -19.09 -4.77
C ALA A 297 -3.42 -17.67 -5.08
N ASN A 298 -3.87 -16.71 -4.29
CA ASN A 298 -3.56 -15.32 -4.54
C ASN A 298 -3.35 -14.54 -3.24
N ASN A 299 -2.41 -15.03 -2.41
CA ASN A 299 -1.99 -14.34 -1.19
CA ASN A 299 -2.04 -14.31 -1.19
C ASN A 299 -0.97 -13.26 -1.53
N VAL A 300 -1.38 -11.99 -1.52
CA VAL A 300 -0.48 -10.91 -1.93
C VAL A 300 0.05 -10.15 -0.75
N MET A 301 1.38 -10.07 -0.65
CA MET A 301 2.02 -9.34 0.44
C MET A 301 2.33 -7.90 0.03
N SER A 302 1.94 -6.99 0.91
CA SER A 302 2.17 -5.56 0.73
CA SER A 302 2.13 -5.57 0.73
C SER A 302 2.68 -4.91 2.00
N GLY A 303 3.47 -3.86 1.84
CA GLY A 303 3.98 -3.11 2.98
C GLY A 303 5.40 -3.45 3.37
N GLY A 304 6.06 -2.49 4.03
CA GLY A 304 7.45 -2.67 4.36
C GLY A 304 7.75 -3.81 5.30
N THR A 305 6.82 -4.18 6.17
CA THR A 305 7.14 -5.24 7.14
C THR A 305 6.97 -6.64 6.50
N THR A 306 6.51 -6.70 5.25
CA THR A 306 6.56 -7.95 4.51
C THR A 306 7.88 -8.11 3.77
N MET A 307 8.85 -7.21 3.97
CA MET A 307 10.06 -7.24 3.18
C MET A 307 11.11 -8.23 3.67
N TYR A 308 10.97 -8.77 4.88
CA TYR A 308 11.96 -9.73 5.39
C TYR A 308 12.23 -10.88 4.40
N PRO A 309 13.51 -11.10 4.07
CA PRO A 309 13.81 -12.32 3.30
C PRO A 309 13.26 -13.55 4.00
N GLY A 310 12.73 -14.49 3.20
CA GLY A 310 12.19 -15.76 3.72
C GLY A 310 10.75 -15.71 4.17
N ILE A 311 10.12 -14.52 4.24
CA ILE A 311 8.77 -14.48 4.78
C ILE A 311 7.73 -15.15 3.87
N ALA A 312 7.90 -15.01 2.55
CA ALA A 312 6.97 -15.64 1.62
C ALA A 312 7.03 -17.16 1.73
N ASP A 313 8.24 -17.72 1.76
CA ASP A 313 8.38 -19.16 1.88
C ASP A 313 7.82 -19.67 3.19
N ARG A 314 8.02 -18.90 4.25
CA ARG A 314 7.52 -19.30 5.56
C ARG A 314 6.02 -19.28 5.57
N MET A 315 5.42 -18.25 4.99
CA MET A 315 3.98 -18.17 4.88
CA MET A 315 3.97 -18.18 4.92
C MET A 315 3.42 -19.31 4.05
N GLN A 316 4.08 -19.59 2.94
CA GLN A 316 3.68 -20.68 2.07
C GLN A 316 3.61 -21.97 2.90
N LYS A 317 4.63 -22.20 3.70
CA LYS A 317 4.69 -23.41 4.54
C LYS A 317 3.54 -23.46 5.56
N GLU A 318 3.32 -22.36 6.28
CA GLU A 318 2.32 -22.35 7.37
C GLU A 318 0.89 -22.48 6.84
N ILE A 319 0.58 -21.77 5.75
CA ILE A 319 -0.76 -21.83 5.18
C ILE A 319 -0.99 -23.23 4.64
N THR A 320 0.02 -23.79 4.00
CA THR A 320 -0.09 -25.18 3.50
C THR A 320 -0.45 -26.14 4.62
N ALA A 321 0.14 -25.96 5.79
CA ALA A 321 -0.17 -26.81 6.92
C ALA A 321 -1.61 -26.64 7.39
N LEU A 322 -2.13 -25.42 7.32
CA LEU A 322 -3.45 -25.10 7.83
C LEU A 322 -4.59 -25.45 6.85
N ALA A 323 -4.29 -25.40 5.56
CA ALA A 323 -5.32 -25.51 4.51
C ALA A 323 -5.60 -26.93 4.09
N PRO A 324 -6.79 -27.20 3.51
CA PRO A 324 -6.98 -28.53 2.96
C PRO A 324 -5.87 -28.88 1.98
N SER A 325 -5.43 -30.14 2.00
CA SER A 325 -4.34 -30.59 1.16
C SER A 325 -4.67 -30.41 -0.33
N THR A 326 -5.94 -30.22 -0.64
CA THR A 326 -6.38 -30.06 -2.02
C THR A 326 -6.17 -28.63 -2.53
N MET A 327 -5.68 -27.73 -1.67
CA MET A 327 -5.53 -26.34 -2.08
C MET A 327 -4.22 -26.03 -2.74
N LYS A 328 -4.32 -25.22 -3.79
CA LYS A 328 -3.16 -24.61 -4.38
C LYS A 328 -2.88 -23.32 -3.62
N ILE A 329 -1.77 -23.31 -2.88
CA ILE A 329 -1.36 -22.14 -2.08
C ILE A 329 -0.30 -21.37 -2.87
N LYS A 330 -0.47 -20.07 -3.02
CA LYS A 330 0.56 -19.27 -3.67
C LYS A 330 0.70 -17.93 -2.98
N ILE A 331 1.94 -17.56 -2.69
CA ILE A 331 2.26 -16.29 -2.04
C ILE A 331 2.95 -15.41 -3.07
N ILE A 332 2.44 -14.20 -3.22
CA ILE A 332 2.97 -13.23 -4.16
C ILE A 332 3.61 -12.08 -3.38
N ALA A 333 4.91 -11.88 -3.61
CA ALA A 333 5.66 -10.86 -2.88
C ALA A 333 6.52 -10.06 -3.85
N PRO A 334 5.94 -9.04 -4.48
CA PRO A 334 6.63 -8.18 -5.45
C PRO A 334 7.80 -7.45 -4.79
N PRO A 335 8.95 -7.30 -5.49
CA PRO A 335 10.08 -6.57 -4.90
C PRO A 335 9.72 -5.13 -4.53
N GLU A 336 8.78 -4.55 -5.26
CA GLU A 336 8.39 -3.15 -5.02
C GLU A 336 7.32 -2.98 -3.95
N ARG A 337 7.11 -4.00 -3.12
CA ARG A 337 5.91 -4.02 -2.27
C ARG A 337 5.92 -3.00 -1.11
N LYS A 338 7.04 -2.31 -0.87
CA LYS A 338 6.99 -1.15 0.03
C LYS A 338 6.14 -0.03 -0.55
N TYR A 339 5.92 -0.07 -1.86
CA TYR A 339 5.19 1.01 -2.55
C TYR A 339 3.99 0.54 -3.35
N SER A 340 3.54 -0.71 -3.12
CA SER A 340 2.47 -1.28 -3.94
CA SER A 340 2.44 -1.29 -3.89
C SER A 340 1.15 -0.52 -3.75
N VAL A 341 0.84 -0.07 -2.54
CA VAL A 341 -0.37 0.75 -2.33
C VAL A 341 -0.29 2.00 -3.19
N TRP A 342 0.83 2.72 -3.08
CA TRP A 342 1.01 3.95 -3.84
C TRP A 342 0.92 3.71 -5.34
N ILE A 343 1.59 2.67 -5.83
CA ILE A 343 1.57 2.35 -7.26
C ILE A 343 0.17 2.04 -7.75
N GLY A 344 -0.59 1.25 -6.99
CA GLY A 344 -1.97 1.03 -7.35
C GLY A 344 -2.78 2.32 -7.47
N GLY A 345 -2.56 3.27 -6.56
CA GLY A 345 -3.24 4.56 -6.62
C GLY A 345 -2.82 5.36 -7.84
N SER A 346 -1.53 5.32 -8.16
CA SER A 346 -0.99 5.98 -9.35
C SER A 346 -1.65 5.47 -10.62
N ILE A 347 -1.81 4.14 -10.72
CA ILE A 347 -2.47 3.54 -11.88
C ILE A 347 -3.94 3.91 -11.92
N LEU A 348 -4.64 3.70 -10.79
CA LEU A 348 -6.06 4.03 -10.74
C LEU A 348 -6.36 5.48 -11.16
N ALA A 349 -5.62 6.44 -10.61
CA ALA A 349 -5.87 7.87 -10.83
C ALA A 349 -5.48 8.30 -12.22
N SER A 350 -4.70 7.46 -12.91
CA SER A 350 -4.31 7.71 -14.30
C SER A 350 -5.28 7.20 -15.38
N LEU A 351 -6.21 6.30 -15.02
CA LEU A 351 -7.06 5.69 -16.02
C LEU A 351 -8.01 6.69 -16.67
N SER A 352 -8.22 6.51 -17.98
CA SER A 352 -9.16 7.37 -18.71
C SER A 352 -10.55 7.35 -18.06
N THR A 353 -10.86 6.23 -17.44
CA THR A 353 -12.18 6.01 -16.83
C THR A 353 -12.31 6.62 -15.45
N PHE A 354 -11.22 7.12 -14.89
CA PHE A 354 -11.29 7.59 -13.51
C PHE A 354 -11.84 9.01 -13.39
N GLN A 355 -11.91 9.74 -14.50
CA GLN A 355 -12.28 11.17 -14.45
C GLN A 355 -13.61 11.40 -13.75
N GLN A 356 -14.60 10.54 -13.99
CA GLN A 356 -15.93 10.76 -13.38
C GLN A 356 -16.05 10.17 -11.97
N MET A 357 -15.00 9.53 -11.51
CA MET A 357 -15.03 8.90 -10.20
CA MET A 357 -15.03 8.89 -10.19
C MET A 357 -14.65 9.86 -9.07
N TRP A 358 -13.86 10.89 -9.40
CA TRP A 358 -13.46 11.89 -8.42
C TRP A 358 -14.71 12.51 -7.79
N ILE A 359 -14.59 12.85 -6.52
CA ILE A 359 -15.49 13.80 -5.90
C ILE A 359 -15.01 15.18 -6.33
N THR A 360 -15.83 15.95 -7.00
CA THR A 360 -15.45 17.30 -7.39
C THR A 360 -15.77 18.30 -6.29
N LYS A 361 -15.11 19.45 -6.35
CA LYS A 361 -15.38 20.53 -5.40
C LYS A 361 -16.84 20.91 -5.40
N GLN A 362 -17.43 20.99 -6.59
CA GLN A 362 -18.82 21.37 -6.70
C GLN A 362 -19.72 20.35 -6.01
N GLU A 363 -19.44 19.06 -6.19
CA GLU A 363 -20.22 18.01 -5.54
C GLU A 363 -20.13 18.13 -4.02
N TYR A 364 -18.91 18.39 -3.54
CA TYR A 364 -18.69 18.64 -2.14
C TYR A 364 -19.42 19.88 -1.65
N ASP A 365 -19.31 21.00 -2.38
CA ASP A 365 -19.91 22.24 -1.91
C ASP A 365 -21.44 22.08 -1.84
N GLU A 366 -22.00 21.19 -2.65
CA GLU A 366 -23.44 20.96 -2.64
C GLU A 366 -23.87 19.94 -1.58
N ALA A 367 -23.10 18.86 -1.44
CA ALA A 367 -23.48 17.73 -0.59
C ALA A 367 -22.76 17.67 0.77
N GLY A 368 -21.54 18.17 0.88
CA GLY A 368 -20.82 18.12 2.14
C GLY A 368 -20.13 16.78 2.34
N PRO A 369 -19.48 16.58 3.48
CA PRO A 369 -18.57 15.44 3.59
C PRO A 369 -19.22 14.06 3.40
N SER A 370 -20.53 13.94 3.60
CA SER A 370 -21.10 12.60 3.55
C SER A 370 -21.08 12.02 2.12
N ILE A 371 -20.74 12.85 1.15
CA ILE A 371 -20.71 12.33 -0.23
C ILE A 371 -19.68 11.25 -0.36
N VAL A 372 -18.70 11.24 0.54
CA VAL A 372 -17.60 10.28 0.40
C VAL A 372 -18.11 8.82 0.48
N HIS A 373 -19.18 8.60 1.23
CA HIS A 373 -19.72 7.25 1.42
C HIS A 373 -20.40 6.74 0.18
N ARG A 374 -20.79 7.64 -0.69
CA ARG A 374 -21.49 7.27 -1.91
CA ARG A 374 -21.49 7.26 -1.92
C ARG A 374 -20.55 7.20 -3.11
N LYS A 375 -19.52 8.03 -3.12
CA LYS A 375 -18.64 8.09 -4.28
C LYS A 375 -17.39 7.25 -4.07
N CYS A 376 -16.98 7.07 -2.83
CA CYS A 376 -15.76 6.29 -2.53
C CYS A 376 -16.09 5.01 -1.82
N PHE A 377 -16.31 4.00 -2.63
CA PHE A 377 -17.02 2.83 -2.21
C PHE A 377 -16.49 1.58 -2.95
N MET B 1 -19.27 8.08 -10.50
CA MET B 1 -19.96 7.16 -11.38
C MET B 1 -21.10 7.89 -12.11
N VAL B 2 -21.47 7.46 -13.32
CA VAL B 2 -20.93 6.27 -13.98
C VAL B 2 -19.75 6.63 -14.90
N VAL B 3 -18.91 5.64 -15.20
CA VAL B 3 -17.95 5.76 -16.29
C VAL B 3 -18.68 6.06 -17.60
N GLU B 4 -18.29 7.14 -18.30
CA GLU B 4 -18.95 7.57 -19.55
C GLU B 4 -18.11 7.29 -20.82
N HIS B 5 -17.03 6.54 -20.63
CA HIS B 5 -16.14 6.07 -21.70
C HIS B 5 -16.84 5.44 -22.93
N PRO B 6 -16.44 5.85 -24.15
CA PRO B 6 -17.12 5.35 -25.35
C PRO B 6 -17.16 3.82 -25.48
N GLU B 7 -16.13 3.13 -24.99
CA GLU B 7 -16.07 1.69 -25.14
C GLU B 7 -16.96 1.01 -24.12
N PHE B 8 -17.16 1.63 -22.97
CA PHE B 8 -18.13 1.10 -22.02
C PHE B 8 -19.52 1.11 -22.66
N LEU B 9 -19.85 2.21 -23.33
CA LEU B 9 -21.16 2.33 -23.98
C LEU B 9 -21.40 1.20 -25.00
N LYS B 10 -20.33 0.66 -25.56
CA LYS B 10 -20.41 -0.39 -26.57
C LYS B 10 -20.35 -1.79 -25.99
N ALA B 11 -19.88 -1.89 -24.75
CA ALA B 11 -19.57 -3.18 -24.16
C ALA B 11 -20.83 -4.01 -23.88
N GLY B 12 -20.84 -5.23 -24.39
CA GLY B 12 -21.84 -6.21 -23.98
C GLY B 12 -23.25 -5.87 -24.40
N LYS B 13 -23.35 -5.16 -25.51
CA LYS B 13 -24.64 -4.71 -25.98
C LYS B 13 -25.34 -5.82 -26.76
N GLU B 14 -24.55 -6.74 -27.31
CA GLU B 14 -25.09 -7.85 -28.10
C GLU B 14 -24.16 -9.05 -27.97
N PRO B 15 -24.69 -10.26 -28.26
CA PRO B 15 -23.83 -11.44 -28.17
C PRO B 15 -22.62 -11.36 -29.09
N GLY B 16 -21.47 -11.85 -28.62
CA GLY B 16 -20.25 -11.77 -29.40
C GLY B 16 -19.01 -11.72 -28.51
N LEU B 17 -17.87 -11.48 -29.15
CA LEU B 17 -16.61 -11.36 -28.45
C LEU B 17 -16.10 -9.95 -28.68
N GLN B 18 -15.68 -9.30 -27.62
CA GLN B 18 -15.09 -7.96 -27.69
C GLN B 18 -13.73 -8.01 -27.01
N ILE B 19 -12.72 -7.46 -27.68
CA ILE B 19 -11.38 -7.39 -27.14
C ILE B 19 -10.84 -5.98 -27.19
N TRP B 20 -10.27 -5.59 -26.08
CA TRP B 20 -9.58 -4.32 -25.91
C TRP B 20 -8.17 -4.57 -25.42
N ARG B 21 -7.28 -3.64 -25.74
CA ARG B 21 -5.91 -3.68 -25.28
C ARG B 21 -5.73 -2.45 -24.40
N VAL B 22 -5.02 -2.63 -23.30
CA VAL B 22 -4.64 -1.51 -22.47
C VAL B 22 -3.55 -0.76 -23.21
N GLU B 23 -3.78 0.52 -23.47
CA GLU B 23 -2.76 1.38 -24.10
C GLU B 23 -2.64 2.68 -23.32
N LYS B 24 -1.53 2.84 -22.60
CA LYS B 24 -1.27 4.09 -21.86
C LYS B 24 -2.45 4.53 -21.02
N PHE B 25 -2.93 3.64 -20.17
CA PHE B 25 -3.98 3.91 -19.18
C PHE B 25 -5.36 4.08 -19.80
N ASP B 26 -5.52 3.66 -21.04
CA ASP B 26 -6.82 3.66 -21.71
C ASP B 26 -7.17 2.25 -22.19
N LEU B 27 -8.45 2.04 -22.48
CA LEU B 27 -8.99 0.80 -22.98
C LEU B 27 -9.29 1.05 -24.45
N VAL B 28 -8.52 0.43 -25.34
CA VAL B 28 -8.57 0.67 -26.78
C VAL B 28 -9.01 -0.59 -27.51
N PRO B 29 -10.06 -0.52 -28.33
CA PRO B 29 -10.51 -1.75 -28.99
C PRO B 29 -9.44 -2.32 -29.91
N VAL B 30 -9.39 -3.66 -30.02
CA VAL B 30 -8.48 -4.34 -30.95
C VAL B 30 -9.24 -4.53 -32.27
N PRO B 31 -8.60 -4.18 -33.39
CA PRO B 31 -9.24 -4.43 -34.69
C PRO B 31 -9.66 -5.89 -34.80
N THR B 32 -10.87 -6.15 -35.26
CA THR B 32 -11.44 -7.49 -35.19
C THR B 32 -10.62 -8.50 -36.00
N ASN B 33 -9.91 -8.04 -37.02
CA ASN B 33 -9.09 -8.94 -37.85
C ASN B 33 -7.79 -9.38 -37.14
N LEU B 34 -7.54 -8.81 -35.97
CA LEU B 34 -6.36 -9.17 -35.18
C LEU B 34 -6.75 -9.91 -33.90
N TYR B 35 -8.02 -10.24 -33.74
CA TYR B 35 -8.45 -10.98 -32.54
C TYR B 35 -7.67 -12.28 -32.49
N GLY B 36 -7.05 -12.58 -31.36
CA GLY B 36 -6.43 -13.87 -31.14
C GLY B 36 -4.93 -13.82 -31.22
N ASP B 37 -4.40 -12.71 -31.72
CA ASP B 37 -2.97 -12.48 -31.91
C ASP B 37 -2.50 -11.55 -30.81
N PHE B 38 -2.05 -12.12 -29.72
CA PHE B 38 -1.75 -11.34 -28.50
C PHE B 38 -0.28 -10.93 -28.40
N PHE B 39 -0.04 -9.63 -28.24
CA PHE B 39 1.28 -9.12 -27.87
C PHE B 39 1.64 -9.53 -26.45
N THR B 40 2.75 -10.25 -26.30
CA THR B 40 3.12 -10.73 -24.98
C THR B 40 3.68 -9.61 -24.10
N GLY B 41 3.99 -8.46 -24.69
CA GLY B 41 4.34 -7.28 -23.89
C GLY B 41 3.16 -6.41 -23.44
N ASP B 42 1.95 -6.92 -23.63
CA ASP B 42 0.76 -6.17 -23.34
C ASP B 42 -0.27 -6.92 -22.50
N ALA B 43 -1.29 -6.18 -22.08
CA ALA B 43 -2.39 -6.71 -21.30
C ALA B 43 -3.67 -6.37 -22.05
N TYR B 44 -4.66 -7.27 -21.96
CA TYR B 44 -5.90 -7.15 -22.72
C TYR B 44 -7.08 -7.42 -21.81
N VAL B 45 -8.25 -6.94 -22.24
CA VAL B 45 -9.52 -7.22 -21.57
C VAL B 45 -10.44 -7.79 -22.63
N ILE B 46 -11.04 -8.92 -22.30
CA ILE B 46 -11.88 -9.69 -23.22
C ILE B 46 -13.24 -9.89 -22.58
N LEU B 47 -14.30 -9.53 -23.31
CA LEU B 47 -15.68 -9.75 -22.87
C LEU B 47 -16.40 -10.69 -23.83
N LYS B 48 -16.79 -11.84 -23.30
CA LYS B 48 -17.60 -12.76 -24.05
C LYS B 48 -19.06 -12.57 -23.59
N THR B 49 -19.91 -12.18 -24.54
CA THR B 49 -21.34 -11.97 -24.27
C THR B 49 -22.13 -13.08 -24.93
N VAL B 50 -22.98 -13.74 -24.16
CA VAL B 50 -23.76 -14.88 -24.65
C VAL B 50 -25.25 -14.65 -24.40
N GLN B 51 -26.07 -14.87 -25.43
CA GLN B 51 -27.52 -14.74 -25.28
C GLN B 51 -28.05 -15.88 -24.43
N LEU B 52 -28.69 -15.54 -23.31
CA LEU B 52 -29.40 -16.54 -22.53
C LEU B 52 -30.80 -16.74 -23.06
N ARG B 53 -31.32 -17.96 -22.92
CA ARG B 53 -32.68 -18.26 -23.39
C ARG B 53 -33.71 -17.39 -22.67
N ASN B 54 -33.35 -16.88 -21.49
CA ASN B 54 -34.27 -16.02 -20.74
C ASN B 54 -34.31 -14.57 -21.25
N GLY B 55 -33.50 -14.30 -22.28
CA GLY B 55 -33.47 -13.01 -22.94
C GLY B 55 -32.32 -12.13 -22.45
N ASN B 56 -31.84 -12.37 -21.23
CA ASN B 56 -30.71 -11.64 -20.70
C ASN B 56 -29.43 -12.05 -21.39
N LEU B 57 -28.43 -11.23 -21.19
CA LEU B 57 -27.09 -11.55 -21.67
C LEU B 57 -26.23 -12.04 -20.52
N GLN B 58 -25.41 -13.04 -20.82
CA GLN B 58 -24.43 -13.57 -19.88
C GLN B 58 -23.06 -13.00 -20.23
N TYR B 59 -22.27 -12.67 -19.20
CA TYR B 59 -21.00 -11.99 -19.40
C TYR B 59 -19.84 -12.71 -18.71
N ASP B 60 -18.76 -12.96 -19.46
CA ASP B 60 -17.50 -13.37 -18.84
C ASP B 60 -16.42 -12.42 -19.28
N LEU B 61 -15.79 -11.84 -18.26
CA LEU B 61 -14.73 -10.90 -18.43
C LEU B 61 -13.42 -11.56 -18.10
N HIS B 62 -12.51 -11.55 -19.04
CA HIS B 62 -11.18 -12.09 -18.86
C HIS B 62 -10.16 -10.99 -19.06
N TYR B 63 -9.19 -10.85 -18.15
CA TYR B 63 -8.11 -9.96 -18.41
C TYR B 63 -6.88 -10.81 -18.58
N TRP B 64 -6.21 -10.61 -19.70
CA TRP B 64 -5.10 -11.45 -20.16
C TRP B 64 -3.80 -10.68 -20.02
N LEU B 65 -2.82 -11.29 -19.35
CA LEU B 65 -1.58 -10.64 -19.01
C LEU B 65 -0.42 -11.30 -19.73
N GLY B 66 0.20 -10.56 -20.62
CA GLY B 66 1.39 -11.01 -21.33
C GLY B 66 2.60 -11.06 -20.39
N ASN B 67 3.49 -11.99 -20.68
CA ASN B 67 4.64 -12.22 -19.83
C ASN B 67 5.52 -10.99 -19.63
N GLU B 68 5.54 -10.11 -20.64
CA GLU B 68 6.38 -8.93 -20.60
C GLU B 68 5.61 -7.64 -20.38
N CYS B 69 4.33 -7.73 -20.01
CA CYS B 69 3.56 -6.49 -19.86
C CYS B 69 4.01 -5.74 -18.61
N SER B 70 3.86 -4.41 -18.64
CA SER B 70 4.34 -3.60 -17.54
C SER B 70 3.28 -3.50 -16.45
N GLN B 71 3.71 -3.11 -15.26
CA GLN B 71 2.81 -3.11 -14.12
C GLN B 71 1.62 -2.19 -14.31
N ASP B 72 1.82 -1.08 -15.02
CA ASP B 72 0.66 -0.21 -15.32
C ASP B 72 -0.40 -0.88 -16.19
N GLU B 73 0.03 -1.77 -17.08
CA GLU B 73 -0.86 -2.45 -18.01
C GLU B 73 -1.65 -3.53 -17.30
N SER B 74 -0.97 -4.36 -16.50
CA SER B 74 -1.67 -5.42 -15.79
C SER B 74 -2.61 -4.85 -14.71
N GLY B 75 -2.17 -3.82 -14.00
CA GLY B 75 -2.99 -3.15 -13.02
C GLY B 75 -4.21 -2.50 -13.66
N ALA B 76 -4.01 -1.81 -14.77
CA ALA B 76 -5.13 -1.20 -15.48
C ALA B 76 -6.10 -2.28 -15.98
N ALA B 77 -5.59 -3.40 -16.50
CA ALA B 77 -6.49 -4.45 -17.00
C ALA B 77 -7.39 -4.99 -15.88
N ALA B 78 -6.80 -5.20 -14.72
CA ALA B 78 -7.55 -5.63 -13.55
C ALA B 78 -8.59 -4.57 -13.16
N ILE B 79 -8.20 -3.29 -13.12
CA ILE B 79 -9.17 -2.26 -12.72
C ILE B 79 -10.27 -2.08 -13.75
N PHE B 80 -9.92 -2.06 -15.04
CA PHE B 80 -10.91 -1.94 -16.09
C PHE B 80 -11.92 -3.08 -16.00
N THR B 81 -11.43 -4.27 -15.65
CA THR B 81 -12.33 -5.42 -15.50
C THR B 81 -13.36 -5.18 -14.39
N VAL B 82 -12.92 -4.69 -13.24
CA VAL B 82 -13.84 -4.36 -12.15
C VAL B 82 -14.83 -3.34 -12.62
N GLN B 83 -14.33 -2.32 -13.28
CA GLN B 83 -15.17 -1.21 -13.71
C GLN B 83 -16.21 -1.65 -14.73
N LEU B 84 -15.81 -2.51 -15.66
CA LEU B 84 -16.74 -3.01 -16.67
C LEU B 84 -17.80 -3.89 -16.04
N ASP B 85 -17.41 -4.72 -15.09
CA ASP B 85 -18.37 -5.57 -14.38
C ASP B 85 -19.41 -4.74 -13.66
N ASP B 86 -18.95 -3.71 -12.96
CA ASP B 86 -19.86 -2.80 -12.28
CA ASP B 86 -19.83 -2.76 -12.27
C ASP B 86 -20.80 -2.10 -13.25
N TYR B 87 -20.27 -1.71 -14.41
CA TYR B 87 -21.07 -1.07 -15.42
C TYR B 87 -22.13 -2.02 -15.92
N LEU B 88 -21.79 -3.31 -15.96
CA LEU B 88 -22.74 -4.36 -16.34
C LEU B 88 -23.49 -4.93 -15.12
N ASN B 89 -23.64 -4.12 -14.07
CA ASN B 89 -24.48 -4.44 -12.90
C ASN B 89 -24.02 -5.66 -12.10
N GLY B 90 -22.72 -5.88 -12.16
CA GLY B 90 -22.05 -6.92 -11.39
C GLY B 90 -22.28 -8.32 -11.96
N ARG B 91 -22.91 -8.42 -13.12
N ARG B 91 -22.91 -8.42 -13.12
CA ARG B 91 -23.31 -9.72 -13.63
CA ARG B 91 -23.32 -9.71 -13.64
C ARG B 91 -22.20 -10.50 -14.32
C ARG B 91 -22.17 -10.53 -14.26
N ALA B 92 -21.05 -9.88 -14.59
CA ALA B 92 -19.98 -10.59 -15.27
C ALA B 92 -19.17 -11.47 -14.30
N VAL B 93 -18.80 -12.66 -14.73
CA VAL B 93 -17.80 -13.45 -14.01
C VAL B 93 -16.40 -13.01 -14.46
N GLN B 94 -15.53 -12.72 -13.50
CA GLN B 94 -14.18 -12.23 -13.80
C GLN B 94 -13.15 -13.35 -13.80
N HIS B 95 -12.24 -13.31 -14.76
CA HIS B 95 -11.21 -14.34 -14.92
C HIS B 95 -9.84 -13.72 -15.20
N ARG B 96 -8.83 -14.09 -14.42
CA ARG B 96 -7.45 -13.67 -14.67
C ARG B 96 -6.81 -14.75 -15.54
N GLU B 97 -6.28 -14.34 -16.70
CA GLU B 97 -5.68 -15.26 -17.64
C GLU B 97 -4.22 -14.87 -17.82
N VAL B 98 -3.34 -15.78 -17.51
CA VAL B 98 -1.90 -15.51 -17.63
C VAL B 98 -1.39 -16.23 -18.86
N GLN B 99 -0.58 -15.55 -19.67
CA GLN B 99 0.12 -16.20 -20.77
C GLN B 99 0.69 -17.57 -20.38
N GLY B 100 0.35 -18.59 -21.15
CA GLY B 100 0.85 -19.93 -20.93
C GLY B 100 0.01 -20.77 -19.97
N PHE B 101 -0.96 -20.13 -19.32
CA PHE B 101 -1.81 -20.79 -18.32
C PHE B 101 -3.27 -20.45 -18.48
N GLU B 102 -3.68 -20.11 -19.69
CA GLU B 102 -5.07 -19.67 -19.88
C GLU B 102 -6.05 -20.81 -19.64
N SER B 103 -7.26 -20.46 -19.20
CA SER B 103 -8.34 -21.42 -19.03
C SER B 103 -8.81 -22.02 -20.36
N ALA B 104 -9.31 -23.24 -20.29
CA ALA B 104 -9.91 -23.90 -21.45
C ALA B 104 -10.98 -22.98 -22.09
N THR B 105 -11.76 -22.34 -21.25
CA THR B 105 -12.84 -21.45 -21.72
C THR B 105 -12.31 -20.31 -22.59
N PHE B 106 -11.29 -19.64 -22.11
CA PHE B 106 -10.68 -18.53 -22.82
C PHE B 106 -10.10 -19.04 -24.13
N LEU B 107 -9.35 -20.12 -24.06
CA LEU B 107 -8.73 -20.67 -25.28
C LEU B 107 -9.79 -21.02 -26.31
N GLY B 108 -10.95 -21.46 -25.83
CA GLY B 108 -12.05 -21.83 -26.72
C GLY B 108 -12.73 -20.66 -27.44
N TYR B 109 -12.49 -19.44 -27.01
CA TYR B 109 -13.02 -18.29 -27.73
C TYR B 109 -12.38 -18.13 -29.10
N PHE B 110 -11.22 -18.76 -29.29
CA PHE B 110 -10.45 -18.53 -30.48
C PHE B 110 -10.41 -19.80 -31.32
N LYS B 111 -11.26 -19.84 -32.34
CA LYS B 111 -11.45 -21.09 -33.06
C LYS B 111 -10.24 -21.49 -33.90
N SER B 112 -9.41 -20.53 -34.32
CA SER B 112 -8.15 -20.87 -35.05
C SER B 112 -6.96 -21.04 -34.10
N GLY B 113 -7.22 -20.94 -32.81
CA GLY B 113 -6.19 -21.02 -31.80
C GLY B 113 -5.54 -19.68 -31.58
N LEU B 114 -5.44 -19.25 -30.33
CA LEU B 114 -4.76 -17.98 -30.07
C LEU B 114 -3.26 -18.16 -30.33
N LYS B 115 -2.62 -17.04 -30.63
CA LYS B 115 -1.21 -17.01 -30.98
C LYS B 115 -0.57 -15.87 -30.19
N TYR B 116 0.71 -16.04 -29.88
CA TYR B 116 1.50 -15.05 -29.18
C TYR B 116 2.45 -14.37 -30.15
N LYS B 117 2.73 -13.10 -29.92
CA LYS B 117 3.75 -12.41 -30.68
C LYS B 117 4.53 -11.46 -29.77
N LYS B 118 5.84 -11.40 -29.93
CA LYS B 118 6.66 -10.51 -29.09
C LYS B 118 6.34 -9.02 -29.32
N GLY B 119 6.53 -8.19 -28.30
CA GLY B 119 6.40 -6.75 -28.44
C GLY B 119 5.15 -6.17 -27.81
N GLY B 120 4.81 -4.93 -28.19
CA GLY B 120 3.62 -4.27 -27.63
C GLY B 120 3.76 -2.76 -27.54
N VAL B 121 2.71 -2.14 -27.04
CA VAL B 121 2.69 -0.70 -26.75
CA VAL B 121 2.71 -0.70 -26.78
C VAL B 121 3.52 -0.40 -25.51
N ALA B 122 4.14 0.77 -25.51
CA ALA B 122 5.01 1.16 -24.41
C ALA B 122 4.19 1.46 -23.16
N SER B 123 4.82 1.23 -22.01
CA SER B 123 4.21 1.55 -20.72
C SER B 123 3.69 2.99 -20.64
N GLY B 124 2.60 3.21 -19.92
CA GLY B 124 2.11 4.55 -19.67
C GLY B 124 2.85 5.30 -18.56
N PHE B 125 3.69 4.59 -17.80
CA PHE B 125 4.38 5.21 -16.65
C PHE B 125 5.34 6.27 -17.16
N GLY B 126 5.34 7.43 -16.52
CA GLY B 126 6.12 8.56 -17.01
C GLY B 126 7.56 8.50 -16.53
N PRO B 143 36.57 -7.43 16.31
CA PRO B 143 36.77 -6.38 15.31
C PRO B 143 37.23 -5.04 15.91
N THR B 144 36.35 -4.37 16.66
CA THR B 144 36.69 -3.11 17.31
C THR B 144 36.68 -3.25 18.84
N GLY B 145 36.70 -4.50 19.31
CA GLY B 145 36.71 -4.77 20.74
C GLY B 145 35.34 -4.63 21.39
N PRO B 146 35.31 -4.53 22.74
CA PRO B 146 34.01 -4.35 23.40
C PRO B 146 33.32 -3.08 22.98
N PHE B 147 32.01 -3.16 22.88
CA PHE B 147 31.18 -2.02 22.50
C PHE B 147 31.38 -0.85 23.48
N LYS B 148 31.73 0.32 22.93
CA LYS B 148 31.89 1.54 23.72
C LYS B 148 30.71 2.48 23.47
N ARG B 149 29.67 2.37 24.28
CA ARG B 149 28.44 3.11 24.03
C ARG B 149 28.61 4.63 24.11
N GLU B 150 29.43 5.10 25.05
CA GLU B 150 29.63 6.54 25.21
C GLU B 150 30.20 7.14 23.93
N GLU B 151 31.11 6.43 23.29
CA GLU B 151 31.72 6.91 22.04
C GLU B 151 30.65 7.02 20.96
N LEU B 152 29.81 6.01 20.85
CA LEU B 152 28.74 6.06 19.87
C LEU B 152 27.83 7.27 20.10
N LEU B 153 27.42 7.48 21.34
CA LEU B 153 26.48 8.57 21.65
C LEU B 153 27.10 9.94 21.32
N ASP B 154 28.37 10.11 21.64
CA ASP B 154 29.06 11.38 21.34
C ASP B 154 29.04 11.62 19.83
N HIS B 155 29.38 10.59 19.05
CA HIS B 155 29.36 10.67 17.59
C HIS B 155 27.98 11.09 17.07
N LEU B 156 26.96 10.42 17.58
CA LEU B 156 25.59 10.67 17.11
C LEU B 156 25.19 12.10 17.38
N GLU B 157 25.60 12.60 18.54
CA GLU B 157 25.26 13.94 18.96
C GLU B 157 26.03 14.99 18.13
N LYS B 158 27.30 14.70 17.85
CA LYS B 158 28.09 15.56 16.97
C LYS B 158 27.39 15.71 15.61
N GLN B 159 26.95 14.58 15.05
CA GLN B 159 26.20 14.56 13.78
C GLN B 159 24.94 15.43 13.86
N ALA B 160 24.22 15.30 14.98
CA ALA B 160 22.96 16.04 15.19
C ALA B 160 23.19 17.55 15.35
N LYS B 161 24.24 17.90 16.09
CA LYS B 161 24.61 19.30 16.32
C LYS B 161 24.79 20.07 15.01
N GLU B 162 25.25 19.36 13.98
CA GLU B 162 25.64 19.97 12.71
C GLU B 162 24.46 20.11 11.76
N PHE B 163 23.32 19.52 12.12
CA PHE B 163 22.14 19.58 11.28
C PHE B 163 21.52 20.98 11.33
N LYS B 164 21.24 21.54 10.16
CA LYS B 164 20.63 22.86 10.06
C LYS B 164 19.19 22.78 9.52
N ASP B 165 18.33 23.59 10.14
CA ASP B 165 16.93 23.67 9.77
C ASP B 165 16.77 24.17 8.34
N ARG B 166 15.79 23.61 7.63
CA ARG B 166 15.40 24.12 6.32
C ARG B 166 14.84 25.53 6.45
N GLU B 167 15.27 26.41 5.54
CA GLU B 167 14.83 27.81 5.54
C GLU B 167 13.81 28.12 4.45
N ASP B 168 13.46 27.10 3.69
CA ASP B 168 12.66 27.28 2.48
C ASP B 168 11.20 26.83 2.65
N LEU B 169 10.78 26.64 3.90
CA LEU B 169 9.47 26.06 4.18
C LEU B 169 8.35 27.07 4.06
N VAL B 170 7.28 26.64 3.41
CA VAL B 170 6.00 27.31 3.52
C VAL B 170 5.45 26.95 4.91
N PRO B 171 5.21 27.96 5.76
CA PRO B 171 4.74 27.66 7.12
C PRO B 171 3.27 27.24 7.15
N TYR B 172 2.94 26.29 8.00
CA TYR B 172 1.55 25.88 8.19
C TYR B 172 0.90 26.74 9.26
N THR B 173 -0.16 27.45 8.87
CA THR B 173 -0.83 28.39 9.77
C THR B 173 -2.27 27.95 10.11
N GLY B 174 -2.72 26.86 9.52
CA GLY B 174 -4.07 26.40 9.73
C GLY B 174 -5.08 27.22 8.95
N GLU B 175 -4.59 27.97 7.97
CA GLU B 175 -5.45 28.72 7.06
C GLU B 175 -6.35 27.78 6.26
N LYS B 176 -7.63 28.14 6.14
CA LYS B 176 -8.59 27.42 5.31
C LYS B 176 -8.72 28.13 3.98
N ARG B 177 -8.43 27.43 2.87
CA ARG B 177 -8.44 28.07 1.56
C ARG B 177 -9.72 27.79 0.77
N GLY B 178 -10.45 26.75 1.17
CA GLY B 178 -11.66 26.36 0.47
C GLY B 178 -12.91 26.93 1.13
N LYS B 179 -14.06 26.58 0.56
CA LYS B 179 -15.34 27.05 1.09
CA LYS B 179 -15.34 27.04 1.08
C LYS B 179 -15.86 26.09 2.14
N VAL B 180 -16.27 26.64 3.29
CA VAL B 180 -16.81 25.80 4.36
C VAL B 180 -18.25 25.41 4.02
N TRP B 181 -18.50 24.10 4.03
CA TRP B 181 -19.82 23.56 3.72
C TRP B 181 -20.80 23.77 4.89
N VAL B 182 -21.99 24.29 4.58
CA VAL B 182 -23.03 24.52 5.57
C VAL B 182 -24.29 23.72 5.18
N PRO B 183 -24.82 22.90 6.12
CA PRO B 183 -26.03 22.15 5.74
C PRO B 183 -27.23 23.07 5.53
N LYS B 184 -28.13 22.68 4.63
CA LYS B 184 -29.29 23.49 4.28
C LYS B 184 -30.48 23.15 5.17
PG ATP C . 1.10 1.22 8.23
O1G ATP C . 0.23 2.22 8.70
O2G ATP C . 1.27 0.28 9.28
O3G ATP C . 0.65 0.60 7.00
PB ATP C . 3.21 2.53 6.87
O1B ATP C . 2.31 2.57 5.66
O2B ATP C . 3.95 3.81 7.29
O3B ATP C . 2.53 1.87 8.12
PA ATP C . 5.12 1.11 5.27
O1A ATP C . 4.45 0.01 4.48
O2A ATP C . 5.60 2.30 4.50
O3A ATP C . 4.28 1.34 6.60
O5' ATP C . 6.39 0.32 5.87
C5' ATP C . 7.23 0.93 6.87
C4' ATP C . 7.73 -0.16 7.82
O4' ATP C . 8.36 -1.15 7.02
C3' ATP C . 8.78 0.30 8.86
O3' ATP C . 8.55 -0.37 10.10
C2' ATP C . 10.09 -0.16 8.27
O2' ATP C . 11.15 -0.33 9.25
C1' ATP C . 9.62 -1.44 7.61
N9 ATP C . 10.57 -1.88 6.59
C8 ATP C . 10.95 -1.22 5.49
N7 ATP C . 11.86 -1.94 4.78
C5 ATP C . 12.04 -3.09 5.49
C6 ATP C . 12.88 -4.27 5.33
N6 ATP C . 13.66 -4.36 4.26
N1 ATP C . 12.79 -5.23 6.25
C2 ATP C . 11.99 -5.14 7.31
N3 ATP C . 11.18 -4.09 7.55
C4 ATP C . 11.22 -3.05 6.67
H5'1 ATP C . 6.66 1.68 7.44
H5'2 ATP C . 8.08 1.43 6.41
H4' ATP C . 6.87 -0.60 8.35
H3' ATP C . 8.77 1.40 8.98
H2' ATP C . 10.39 0.56 7.50
HO2' ATP C . 11.33 0.52 9.68
H1' ATP C . 9.50 -2.22 8.38
H8 ATP C . 10.59 -0.26 5.20
HN61 ATP C . 13.68 -3.60 3.59
HN62 ATP C . 14.23 -5.17 4.12
H2 ATP C . 11.98 -5.96 8.01
CA CA D . 0.39 1.60 4.86
CA CA E . -19.37 -9.86 -11.27
CA CA F . 3.27 -3.08 -23.15
#